data_5AYV
#
_entry.id   5AYV
#
_cell.length_a   53.519
_cell.length_b   70.822
_cell.length_c   163.902
_cell.angle_alpha   90.00
_cell.angle_beta   90.00
_cell.angle_gamma   90.00
#
_symmetry.space_group_name_H-M   'P 21 21 21'
#
loop_
_entity.id
_entity.type
_entity.pdbx_description
1 polymer '2-dehydropantoate 2-reductase'
2 non-polymer 'NADP NICOTINAMIDE-ADENINE-DINUCLEOTIDE PHOSPHATE'
3 non-polymer 'ACETATE ION'
4 non-polymer 'COENZYME A'
5 non-polymer KETOPANTOATE
6 non-polymer (4S)-2-METHYL-2,4-PENTANEDIOL
7 water water
#
_entity_poly.entity_id   1
_entity_poly.type   'polypeptide(L)'
_entity_poly.pdbx_seq_one_letter_code
;MRIYVLGAGSIGSLFGALLARAGNDVTLIGRREQVDAINKNGLHVFGAEEFTVKPKATIYAPEEPPDLLILAVKSYSTKT
ALECARQCIGRNTWVLSIQNGLGNEELALKYTPNVMGGVTTNGAMLVEWGKVLWAGKGITVIGRYPTGRDDFVDEVASVF
NEAGIDTSVTENAIGWKWAKAIVNSVINGLGTVLEVKNGHLKDDPHLEGISVDIAREGCMVAQQLGIEFEIHPLELLWDT
IERTRENYNSTLQDIWRGRETEVDYIHGKIVEYARSVGMEAPRNELLWVLVKAKERINRGKTRNISEGC
;
_entity_poly.pdbx_strand_id   A,B
#
# COMPACT_ATOMS: atom_id res chain seq x y z
N MET A 1 -43.38 12.37 9.20
CA MET A 1 -43.00 10.97 9.11
C MET A 1 -42.37 10.50 10.42
N ARG A 2 -42.67 9.28 10.84
CA ARG A 2 -42.01 8.72 12.00
C ARG A 2 -40.74 8.02 11.55
N ILE A 3 -39.60 8.49 12.04
CA ILE A 3 -38.29 8.04 11.59
C ILE A 3 -37.43 7.63 12.77
N TYR A 4 -36.87 6.43 12.71
CA TYR A 4 -35.86 6.01 13.69
C TYR A 4 -34.51 6.06 13.00
N VAL A 5 -33.55 6.71 13.62
CA VAL A 5 -32.18 6.67 13.14
C VAL A 5 -31.39 5.67 13.99
N LEU A 6 -31.00 4.56 13.38
CA LEU A 6 -30.24 3.52 14.05
C LEU A 6 -28.75 3.82 13.88
N GLY A 7 -28.15 4.36 14.93
CA GLY A 7 -26.75 4.79 14.88
C GLY A 7 -26.66 6.29 14.97
N ALA A 8 -26.71 6.82 16.19
CA ALA A 8 -26.73 8.26 16.40
C ALA A 8 -25.33 8.81 16.56
N GLY A 9 -24.47 8.51 15.58
CA GLY A 9 -23.14 9.08 15.53
C GLY A 9 -23.14 10.32 14.65
N SER A 10 -22.07 10.51 13.88
CA SER A 10 -21.92 11.75 13.12
C SER A 10 -23.05 11.98 12.11
N ILE A 11 -23.14 11.11 11.10
CA ILE A 11 -24.10 11.32 10.03
C ILE A 11 -25.53 11.05 10.50
N GLY A 12 -25.69 10.12 11.43
CA GLY A 12 -27.00 9.81 11.96
C GLY A 12 -27.55 10.98 12.75
N SER A 13 -26.69 11.61 13.55
CA SER A 13 -27.10 12.79 14.31
C SER A 13 -27.46 13.96 13.39
N LEU A 14 -26.70 14.15 12.32
CA LEU A 14 -26.99 15.23 11.39
C LEU A 14 -28.33 15.03 10.71
N PHE A 15 -28.54 13.84 10.16
CA PHE A 15 -29.81 13.53 9.51
C PHE A 15 -30.98 13.59 10.50
N GLY A 16 -30.78 13.01 11.69
CA GLY A 16 -31.82 13.03 12.70
C GLY A 16 -32.19 14.45 13.12
N ALA A 17 -31.18 15.30 13.29
CA ALA A 17 -31.43 16.68 13.73
C ALA A 17 -32.19 17.48 12.68
N LEU A 18 -31.78 17.35 11.42
CA LEU A 18 -32.46 18.04 10.34
C LEU A 18 -33.90 17.56 10.20
N LEU A 19 -34.10 16.24 10.28
CA LEU A 19 -35.44 15.68 10.17
C LEU A 19 -36.33 16.15 11.33
N ALA A 20 -35.75 16.26 12.51
CA ALA A 20 -36.49 16.71 13.69
C ALA A 20 -36.87 18.18 13.59
N ARG A 21 -35.94 19.00 13.12
CA ARG A 21 -36.20 20.44 12.96
C ARG A 21 -37.38 20.67 12.03
N ALA A 22 -37.52 19.81 11.03
CA ALA A 22 -38.60 19.95 10.05
C ALA A 22 -39.92 19.44 10.60
N GLY A 23 -39.90 18.89 11.81
CA GLY A 23 -41.13 18.51 12.48
C GLY A 23 -41.49 17.05 12.39
N ASN A 24 -40.61 16.24 11.83
CA ASN A 24 -40.85 14.81 11.77
C ASN A 24 -40.74 14.18 13.16
N ASP A 25 -41.38 13.04 13.34
CA ASP A 25 -41.36 12.30 14.60
C ASP A 25 -40.09 11.44 14.64
N VAL A 26 -39.02 11.99 15.19
CA VAL A 26 -37.70 11.35 15.11
C VAL A 26 -37.23 10.76 16.45
N THR A 27 -36.71 9.55 16.38
CA THR A 27 -36.05 8.92 17.52
C THR A 27 -34.65 8.50 17.12
N LEU A 28 -33.66 8.96 17.87
CA LEU A 28 -32.28 8.58 17.66
C LEU A 28 -31.89 7.39 18.53
N ILE A 29 -31.30 6.36 17.92
CA ILE A 29 -30.91 5.16 18.66
C ILE A 29 -29.40 5.04 18.63
N GLY A 30 -28.78 5.02 19.79
CA GLY A 30 -27.33 5.00 19.85
C GLY A 30 -26.74 4.84 21.23
N ARG A 31 -25.50 5.29 21.38
CA ARG A 31 -24.75 5.14 22.62
C ARG A 31 -25.37 5.85 23.80
N ARG A 32 -25.18 5.26 24.97
CA ARG A 32 -25.70 5.81 26.19
C ARG A 32 -25.30 7.27 26.38
N GLU A 33 -24.04 7.57 26.16
CA GLU A 33 -23.52 8.93 26.34
C GLU A 33 -24.22 9.92 25.42
N GLN A 34 -24.47 9.51 24.18
CA GLN A 34 -25.16 10.34 23.20
C GLN A 34 -26.62 10.52 23.60
N VAL A 35 -27.27 9.43 23.96
CA VAL A 35 -28.68 9.48 24.36
C VAL A 35 -28.88 10.36 25.58
N ASP A 36 -27.97 10.26 26.54
CA ASP A 36 -28.08 11.04 27.78
C ASP A 36 -27.84 12.51 27.54
N ALA A 37 -26.87 12.82 26.68
CA ALA A 37 -26.59 14.21 26.33
C ALA A 37 -27.79 14.84 25.65
N ILE A 38 -28.36 14.14 24.68
CA ILE A 38 -29.49 14.65 23.92
C ILE A 38 -30.73 14.83 24.79
N ASN A 39 -31.04 13.80 25.60
CA ASN A 39 -32.18 13.88 26.50
C ASN A 39 -32.04 14.99 27.52
N LYS A 40 -30.80 15.33 27.87
CA LYS A 40 -30.55 16.38 28.86
C LYS A 40 -30.55 17.77 28.23
N ASN A 41 -29.74 17.96 27.20
CA ASN A 41 -29.52 19.31 26.66
C ASN A 41 -29.89 19.46 25.19
N GLY A 42 -30.43 18.42 24.58
CA GLY A 42 -30.82 18.46 23.19
C GLY A 42 -29.66 18.13 22.25
N LEU A 43 -29.90 18.28 20.95
CA LEU A 43 -28.88 17.98 19.94
C LEU A 43 -28.52 19.26 19.20
N HIS A 44 -27.26 19.63 19.26
CA HIS A 44 -26.79 20.89 18.67
C HIS A 44 -26.07 20.63 17.36
N VAL A 45 -26.51 21.32 16.31
CA VAL A 45 -25.81 21.30 15.03
C VAL A 45 -25.12 22.64 14.83
N PHE A 46 -23.85 22.60 14.45
CA PHE A 46 -23.13 23.82 14.09
C PHE A 46 -22.30 23.59 12.83
N GLY A 47 -21.68 24.64 12.32
CA GLY A 47 -20.95 24.55 11.08
C GLY A 47 -21.74 25.16 9.93
N ALA A 48 -22.11 24.32 8.96
CA ALA A 48 -22.79 24.80 7.76
C ALA A 48 -24.11 25.47 8.13
N GLU A 49 -24.76 24.94 9.16
CA GLU A 49 -25.90 25.60 9.77
C GLU A 49 -25.83 25.43 11.27
N GLU A 50 -26.48 26.30 12.00
CA GLU A 50 -26.45 26.23 13.45
C GLU A 50 -27.88 26.25 14.03
N PHE A 51 -28.23 25.21 14.79
CA PHE A 51 -29.53 25.12 15.42
C PHE A 51 -29.53 24.02 16.45
N THR A 52 -30.52 24.04 17.34
CA THR A 52 -30.68 23.00 18.35
C THR A 52 -32.06 22.38 18.25
N VAL A 53 -32.12 21.06 18.39
CA VAL A 53 -33.38 20.34 18.44
C VAL A 53 -33.31 19.31 19.54
N LYS A 54 -34.46 18.81 19.93
CA LYS A 54 -34.49 17.76 20.92
C LYS A 54 -35.36 16.60 20.48
N PRO A 55 -34.86 15.77 19.58
CA PRO A 55 -35.59 14.56 19.23
C PRO A 55 -35.57 13.58 20.39
N LYS A 56 -36.38 12.54 20.30
CA LYS A 56 -36.30 11.45 21.27
C LYS A 56 -34.99 10.69 21.06
N ALA A 57 -34.44 10.15 22.14
CA ALA A 57 -33.21 9.35 22.06
C ALA A 57 -33.31 8.15 23.00
N THR A 58 -32.80 7.01 22.52
CA THR A 58 -32.86 5.77 23.28
C THR A 58 -31.69 4.87 22.90
N ILE A 59 -31.32 3.94 23.78
CA ILE A 59 -30.23 3.02 23.50
C ILE A 59 -30.74 1.78 22.76
N TYR A 60 -32.05 1.63 22.72
CA TYR A 60 -32.67 0.41 22.21
C TYR A 60 -33.92 0.77 21.39
N ALA A 61 -34.03 0.24 20.19
CA ALA A 61 -35.18 0.54 19.33
C ALA A 61 -36.50 0.12 19.98
N PRO A 62 -37.49 1.03 19.95
CA PRO A 62 -38.85 0.73 20.42
C PRO A 62 -39.48 -0.39 19.60
N GLU A 63 -40.51 -1.02 20.09
CA GLU A 63 -41.18 -2.06 19.35
C GLU A 63 -42.14 -1.45 18.33
N GLU A 64 -42.59 -0.24 18.61
CA GLU A 64 -43.49 0.45 17.69
C GLU A 64 -42.78 0.76 16.38
N PRO A 65 -43.34 0.29 15.26
CA PRO A 65 -42.67 0.49 13.97
C PRO A 65 -42.73 1.94 13.50
N PRO A 66 -41.61 2.44 12.97
CA PRO A 66 -41.58 3.74 12.31
C PRO A 66 -42.03 3.61 10.86
N ASP A 67 -42.23 4.72 10.17
CA ASP A 67 -42.40 4.65 8.72
C ASP A 67 -41.06 4.30 8.09
N LEU A 68 -39.99 4.79 8.71
CA LEU A 68 -38.67 4.68 8.13
C LEU A 68 -37.62 4.41 9.20
N LEU A 69 -36.82 3.37 8.96
CA LEU A 69 -35.64 3.11 9.77
C LEU A 69 -34.40 3.45 8.96
N ILE A 70 -33.63 4.43 9.42
CA ILE A 70 -32.38 4.79 8.74
C ILE A 70 -31.18 4.12 9.40
N LEU A 71 -30.41 3.36 8.62
CA LEU A 71 -29.19 2.74 9.12
C LEU A 71 -28.01 3.69 8.99
N ALA A 72 -27.42 4.06 10.12
CA ALA A 72 -26.34 5.03 10.15
C ALA A 72 -25.21 4.58 11.07
N VAL A 73 -25.16 3.27 11.36
CA VAL A 73 -24.01 2.73 12.07
C VAL A 73 -22.87 2.45 11.09
N LYS A 74 -21.66 2.19 11.60
CA LYS A 74 -20.56 1.78 10.72
C LYS A 74 -20.89 0.40 10.16
N SER A 75 -20.33 0.07 9.00
CA SER A 75 -20.70 -1.16 8.32
C SER A 75 -20.38 -2.41 9.13
N TYR A 76 -19.39 -2.33 10.01
CA TYR A 76 -19.03 -3.48 10.82
C TYR A 76 -20.04 -3.70 11.95
N SER A 77 -20.98 -2.77 12.09
CA SER A 77 -22.00 -2.87 13.13
C SER A 77 -23.39 -3.23 12.58
N THR A 78 -23.55 -3.20 11.27
CA THR A 78 -24.85 -3.38 10.69
C THR A 78 -25.56 -4.68 11.09
N LYS A 79 -24.88 -5.80 11.00
CA LYS A 79 -25.51 -7.07 11.25
C LYS A 79 -26.07 -7.12 12.66
N THR A 80 -25.25 -6.76 13.63
CA THR A 80 -25.69 -6.80 15.01
C THR A 80 -26.73 -5.72 15.30
N ALA A 81 -26.55 -4.57 14.71
CA ALA A 81 -27.47 -3.46 14.98
C ALA A 81 -28.88 -3.82 14.53
N LEU A 82 -28.98 -4.48 13.38
CA LEU A 82 -30.26 -4.95 12.87
C LEU A 82 -30.86 -6.01 13.79
N GLU A 83 -30.01 -6.92 14.29
CA GLU A 83 -30.48 -7.93 15.24
C GLU A 83 -31.06 -7.28 16.48
N CYS A 84 -30.44 -6.19 16.93
CA CYS A 84 -30.88 -5.49 18.14
C CYS A 84 -32.06 -4.55 17.92
N ALA A 85 -32.45 -4.35 16.66
CA ALA A 85 -33.52 -3.39 16.36
C ALA A 85 -34.68 -4.02 15.61
N ARG A 86 -34.58 -5.32 15.33
CA ARG A 86 -35.54 -6.00 14.47
C ARG A 86 -36.98 -5.86 14.97
N GLN A 87 -37.13 -5.63 16.27
CA GLN A 87 -38.46 -5.51 16.86
C GLN A 87 -39.26 -4.35 16.29
N CYS A 88 -38.58 -3.36 15.72
CA CYS A 88 -39.26 -2.18 15.22
C CYS A 88 -39.59 -2.26 13.73
N ILE A 89 -39.13 -3.32 13.06
CA ILE A 89 -39.37 -3.42 11.63
C ILE A 89 -40.76 -3.97 11.37
N GLY A 90 -41.70 -3.07 11.12
CA GLY A 90 -43.08 -3.46 10.89
C GLY A 90 -43.32 -3.88 9.44
N ARG A 91 -44.53 -4.37 9.20
CA ARG A 91 -44.97 -4.81 7.89
C ARG A 91 -44.74 -3.75 6.81
N ASN A 92 -44.90 -2.49 7.19
CA ASN A 92 -44.82 -1.39 6.23
C ASN A 92 -43.59 -0.50 6.43
N THR A 93 -42.74 -0.87 7.39
CA THR A 93 -41.53 -0.11 7.65
C THR A 93 -40.50 -0.31 6.54
N TRP A 94 -39.97 0.79 6.02
CA TRP A 94 -38.85 0.73 5.09
C TRP A 94 -37.53 0.94 5.81
N VAL A 95 -36.49 0.30 5.31
CA VAL A 95 -35.14 0.48 5.84
C VAL A 95 -34.29 1.17 4.80
N LEU A 96 -33.70 2.29 5.17
CA LEU A 96 -32.78 3.01 4.29
C LEU A 96 -31.38 3.01 4.89
N SER A 97 -30.40 2.56 4.10
CA SER A 97 -29.01 2.67 4.51
C SER A 97 -28.37 3.86 3.83
N ILE A 98 -27.75 4.74 4.62
CA ILE A 98 -26.91 5.80 4.06
C ILE A 98 -25.45 5.54 4.40
N GLN A 99 -25.12 4.26 4.58
CA GLN A 99 -23.78 3.84 4.98
C GLN A 99 -22.84 3.71 3.80
N ASN A 100 -21.55 3.86 4.07
CA ASN A 100 -20.57 3.53 3.05
C ASN A 100 -20.34 2.03 3.09
N GLY A 101 -19.56 1.52 2.14
CA GLY A 101 -19.34 0.09 2.03
C GLY A 101 -20.43 -0.63 1.27
N LEU A 102 -20.28 -1.93 1.13
CA LEU A 102 -21.20 -2.75 0.36
C LEU A 102 -21.83 -3.79 1.25
N GLY A 103 -23.07 -4.17 0.93
CA GLY A 103 -23.71 -5.29 1.59
C GLY A 103 -24.70 -4.94 2.69
N ASN A 104 -24.73 -3.67 3.09
CA ASN A 104 -25.64 -3.26 4.17
C ASN A 104 -27.10 -3.46 3.79
N GLU A 105 -27.44 -3.10 2.56
CA GLU A 105 -28.80 -3.25 2.07
C GLU A 105 -29.17 -4.73 2.03
N GLU A 106 -28.22 -5.58 1.67
CA GLU A 106 -28.46 -7.02 1.66
C GLU A 106 -28.76 -7.55 3.06
N LEU A 107 -28.06 -7.03 4.06
CA LEU A 107 -28.33 -7.41 5.44
C LEU A 107 -29.75 -7.01 5.83
N ALA A 108 -30.16 -5.82 5.42
CA ALA A 108 -31.51 -5.35 5.75
C ALA A 108 -32.58 -6.18 5.07
N LEU A 109 -32.28 -6.69 3.87
CA LEU A 109 -33.23 -7.48 3.10
C LEU A 109 -33.57 -8.81 3.77
N LYS A 110 -32.76 -9.21 4.74
CA LYS A 110 -33.05 -10.40 5.50
C LYS A 110 -34.31 -10.21 6.32
N TYR A 111 -34.62 -8.97 6.66
CA TYR A 111 -35.70 -8.65 7.58
C TYR A 111 -36.96 -8.16 6.87
N THR A 112 -36.78 -7.55 5.71
CA THR A 112 -37.91 -7.00 4.96
C THR A 112 -37.54 -6.75 3.51
N PRO A 113 -38.54 -6.82 2.61
CA PRO A 113 -38.31 -6.47 1.20
C PRO A 113 -38.29 -4.96 0.99
N ASN A 114 -38.73 -4.23 2.00
CA ASN A 114 -38.83 -2.77 1.92
C ASN A 114 -37.51 -2.08 2.26
N VAL A 115 -36.56 -2.19 1.36
CA VAL A 115 -35.24 -1.63 1.59
C VAL A 115 -34.87 -0.62 0.55
N MET A 116 -34.33 0.51 0.97
CA MET A 116 -33.73 1.43 0.04
C MET A 116 -32.25 1.61 0.30
N GLY A 117 -31.53 1.87 -0.77
CA GLY A 117 -30.14 2.25 -0.67
C GLY A 117 -29.88 3.72 -0.82
N GLY A 118 -28.92 4.25 -0.09
CA GLY A 118 -28.62 5.66 -0.18
C GLY A 118 -27.14 5.99 -0.11
N VAL A 119 -26.77 7.09 -0.74
CA VAL A 119 -25.43 7.66 -0.65
C VAL A 119 -25.56 9.15 -0.33
N THR A 120 -24.78 9.63 0.62
CA THR A 120 -24.77 11.07 0.89
C THR A 120 -23.36 11.63 0.84
N THR A 121 -23.26 12.86 0.33
CA THR A 121 -21.98 13.56 0.30
C THR A 121 -21.98 14.70 1.31
N ASN A 122 -22.99 14.72 2.18
CA ASN A 122 -22.93 15.54 3.37
C ASN A 122 -21.74 15.09 4.21
N GLY A 123 -21.11 16.03 4.90
CA GLY A 123 -20.03 15.70 5.81
C GLY A 123 -20.39 16.07 7.23
N ALA A 124 -20.17 15.17 8.18
CA ALA A 124 -20.53 15.44 9.56
C ALA A 124 -19.52 14.83 10.53
N MET A 125 -19.39 15.47 11.68
CA MET A 125 -18.52 14.96 12.74
CA MET A 125 -18.52 14.96 12.74
C MET A 125 -19.09 15.26 14.12
N LEU A 126 -19.38 14.20 14.88
CA LEU A 126 -19.81 14.35 16.25
C LEU A 126 -18.59 14.71 17.09
N VAL A 127 -18.50 15.97 17.50
CA VAL A 127 -17.30 16.47 18.17
C VAL A 127 -17.41 16.35 19.69
N GLU A 128 -18.65 16.34 20.18
CA GLU A 128 -18.94 16.08 21.58
C GLU A 128 -20.29 15.38 21.65
N TRP A 129 -20.57 14.69 22.74
CA TRP A 129 -21.90 14.09 22.89
C TRP A 129 -22.94 15.20 22.77
N GLY A 130 -23.85 15.05 21.82
CA GLY A 130 -24.92 16.02 21.63
C GLY A 130 -24.54 17.21 20.78
N LYS A 131 -23.33 17.21 20.22
CA LYS A 131 -22.88 18.32 19.38
C LYS A 131 -22.25 17.83 18.09
N VAL A 132 -22.94 18.06 16.97
CA VAL A 132 -22.46 17.57 15.68
C VAL A 132 -22.14 18.70 14.71
N LEU A 133 -20.95 18.63 14.13
CA LEU A 133 -20.52 19.57 13.12
C LEU A 133 -21.06 19.18 11.76
N TRP A 134 -21.81 20.08 11.14
CA TRP A 134 -22.17 19.94 9.73
C TRP A 134 -21.00 20.50 8.95
N ALA A 135 -20.08 19.63 8.57
CA ALA A 135 -18.79 20.04 8.04
C ALA A 135 -18.86 20.49 6.59
N GLY A 136 -19.77 19.88 5.82
CA GLY A 136 -19.93 20.21 4.43
C GLY A 136 -21.29 19.80 3.90
N LYS A 137 -21.88 20.64 3.07
CA LYS A 137 -23.16 20.31 2.44
C LYS A 137 -22.94 19.58 1.12
N GLY A 138 -23.77 18.57 0.86
CA GLY A 138 -23.66 17.81 -0.36
C GLY A 138 -24.98 17.15 -0.72
N ILE A 139 -25.01 16.50 -1.88
CA ILE A 139 -26.23 15.84 -2.34
C ILE A 139 -26.44 14.47 -1.69
N THR A 140 -27.69 14.06 -1.59
CA THR A 140 -28.01 12.71 -1.12
C THR A 140 -28.82 12.01 -2.21
N VAL A 141 -28.44 10.78 -2.51
CA VAL A 141 -29.16 9.98 -3.50
C VAL A 141 -29.74 8.73 -2.87
N ILE A 142 -31.03 8.49 -3.08
CA ILE A 142 -31.69 7.31 -2.53
C ILE A 142 -32.50 6.59 -3.59
N GLY A 143 -32.71 5.29 -3.42
CA GLY A 143 -33.56 4.56 -4.35
C GLY A 143 -33.93 3.19 -3.84
N ARG A 144 -35.01 2.63 -4.40
CA ARG A 144 -35.40 1.26 -4.10
C ARG A 144 -34.24 0.32 -4.40
N TYR A 145 -33.91 -0.55 -3.46
CA TYR A 145 -32.76 -1.44 -3.64
C TYR A 145 -33.18 -2.82 -4.16
N PRO A 146 -32.46 -3.34 -5.17
CA PRO A 146 -31.28 -2.73 -5.80
C PRO A 146 -31.61 -1.74 -6.90
N THR A 147 -32.76 -1.89 -7.53
CA THR A 147 -33.17 -1.00 -8.63
C THR A 147 -34.68 -0.77 -8.61
N GLY A 148 -35.14 0.11 -9.48
CA GLY A 148 -36.55 0.40 -9.64
C GLY A 148 -37.04 1.57 -8.80
N ARG A 149 -38.35 1.65 -8.62
CA ARG A 149 -38.92 2.77 -7.89
C ARG A 149 -40.08 2.32 -7.01
N ASP A 150 -40.46 3.19 -6.07
CA ASP A 150 -41.62 2.96 -5.22
C ASP A 150 -42.12 4.29 -4.70
N ASP A 151 -43.44 4.43 -4.60
CA ASP A 151 -44.04 5.66 -4.09
C ASP A 151 -43.42 6.12 -2.77
N PHE A 152 -43.07 5.18 -1.90
CA PHE A 152 -42.58 5.56 -0.59
C PHE A 152 -41.16 6.14 -0.67
N VAL A 153 -40.36 5.66 -1.61
CA VAL A 153 -39.04 6.25 -1.83
C VAL A 153 -39.22 7.71 -2.22
N ASP A 154 -40.14 7.97 -3.13
CA ASP A 154 -40.48 9.34 -3.48
C ASP A 154 -40.88 10.20 -2.30
N GLU A 155 -41.68 9.66 -1.39
CA GLU A 155 -42.09 10.38 -0.18
C GLU A 155 -40.92 10.71 0.71
N VAL A 156 -40.06 9.73 0.92
CA VAL A 156 -38.90 9.93 1.74
C VAL A 156 -38.08 11.06 1.17
N ALA A 157 -37.87 11.02 -0.12
CA ALA A 157 -37.15 12.08 -0.79
C ALA A 157 -37.77 13.44 -0.55
N SER A 158 -39.09 13.55 -0.60
CA SER A 158 -39.73 14.84 -0.32
C SER A 158 -39.55 15.25 1.09
N VAL A 159 -39.68 14.30 2.00
CA VAL A 159 -39.45 14.65 3.39
C VAL A 159 -38.02 15.16 3.61
N PHE A 160 -37.06 14.44 3.03
CA PHE A 160 -35.70 14.84 3.11
C PHE A 160 -35.49 16.28 2.57
N ASN A 161 -35.97 16.51 1.38
CA ASN A 161 -35.80 17.82 0.75
C ASN A 161 -36.43 18.94 1.58
N GLU A 162 -37.62 18.72 2.11
CA GLU A 162 -38.25 19.71 2.99
C GLU A 162 -37.47 20.00 4.23
N ALA A 163 -36.68 19.04 4.71
CA ALA A 163 -35.84 19.27 5.86
C ALA A 163 -34.52 19.89 5.57
N GLY A 164 -34.24 20.13 4.31
CA GLY A 164 -32.97 20.72 3.95
C GLY A 164 -31.91 19.69 3.62
N ILE A 165 -32.35 18.45 3.44
CA ILE A 165 -31.45 17.40 2.96
C ILE A 165 -31.66 17.23 1.45
N ASP A 166 -30.84 17.93 0.66
CA ASP A 166 -30.95 17.89 -0.81
C ASP A 166 -30.86 16.45 -1.30
N THR A 167 -31.94 15.95 -1.90
CA THR A 167 -32.06 14.53 -2.21
C THR A 167 -32.63 14.26 -3.59
N SER A 168 -31.98 13.36 -4.32
CA SER A 168 -32.47 12.91 -5.62
C SER A 168 -32.81 11.44 -5.56
N VAL A 169 -33.84 11.03 -6.31
CA VAL A 169 -34.22 9.63 -6.38
C VAL A 169 -33.59 8.95 -7.59
N THR A 170 -33.01 7.77 -7.38
CA THR A 170 -32.43 6.99 -8.46
C THR A 170 -33.15 5.65 -8.60
N GLU A 171 -33.24 5.16 -9.82
CA GLU A 171 -33.79 3.82 -10.04
C GLU A 171 -32.66 2.80 -10.20
N ASN A 172 -31.44 3.23 -9.88
CA ASN A 172 -30.25 2.37 -9.89
C ASN A 172 -29.44 2.53 -8.60
N ALA A 173 -30.08 2.25 -7.46
CA ALA A 173 -29.45 2.41 -6.16
C ALA A 173 -28.18 1.58 -6.04
N ILE A 174 -28.21 0.35 -6.58
CA ILE A 174 -27.06 -0.52 -6.44
C ILE A 174 -25.86 0.04 -7.21
N GLY A 175 -26.13 0.63 -8.37
CA GLY A 175 -25.09 1.29 -9.13
C GLY A 175 -24.44 2.39 -8.29
N TRP A 176 -25.25 3.13 -7.53
CA TRP A 176 -24.71 4.21 -6.71
C TRP A 176 -23.91 3.71 -5.51
N LYS A 177 -24.39 2.65 -4.86
CA LYS A 177 -23.63 2.06 -3.76
C LYS A 177 -22.26 1.59 -4.25
N TRP A 178 -22.23 0.98 -5.43
CA TRP A 178 -20.96 0.50 -5.98
C TRP A 178 -20.08 1.65 -6.46
N ALA A 179 -20.66 2.70 -7.05
CA ALA A 179 -19.88 3.85 -7.48
C ALA A 179 -19.21 4.50 -6.29
N LYS A 180 -19.96 4.66 -5.19
CA LYS A 180 -19.41 5.22 -3.97
C LYS A 180 -18.31 4.33 -3.40
N ALA A 181 -18.54 3.02 -3.39
CA ALA A 181 -17.57 2.09 -2.85
C ALA A 181 -16.27 2.13 -3.65
N ILE A 182 -16.39 2.26 -4.97
CA ILE A 182 -15.22 2.33 -5.83
C ILE A 182 -14.44 3.61 -5.56
N VAL A 183 -15.17 4.72 -5.38
CA VAL A 183 -14.52 5.98 -5.04
C VAL A 183 -13.80 5.86 -3.70
N ASN A 184 -14.49 5.28 -2.72
CA ASN A 184 -13.87 5.05 -1.42
C ASN A 184 -12.66 4.11 -1.49
N SER A 185 -12.72 3.13 -2.38
CA SER A 185 -11.60 2.19 -2.50
C SER A 185 -10.33 2.96 -2.90
N VAL A 186 -10.48 3.95 -3.76
CA VAL A 186 -9.34 4.74 -4.20
C VAL A 186 -8.87 5.71 -3.11
N ILE A 187 -9.80 6.53 -2.63
CA ILE A 187 -9.44 7.58 -1.67
C ILE A 187 -9.03 7.01 -0.31
N ASN A 188 -9.87 6.15 0.24
CA ASN A 188 -9.60 5.58 1.57
C ASN A 188 -8.46 4.55 1.55
N GLY A 189 -8.15 4.03 0.36
CA GLY A 189 -6.98 3.18 0.21
C GLY A 189 -5.68 3.95 0.07
N LEU A 190 -5.54 4.70 -1.03
CA LEU A 190 -4.30 5.43 -1.29
C LEU A 190 -4.01 6.50 -0.24
N GLY A 191 -5.02 7.27 0.15
CA GLY A 191 -4.83 8.35 1.09
C GLY A 191 -4.38 7.84 2.45
N THR A 192 -4.87 6.66 2.82
CA THR A 192 -4.54 6.06 4.10
C THR A 192 -3.12 5.46 4.10
N VAL A 193 -2.81 4.68 3.08
CA VAL A 193 -1.50 4.04 3.03
C VAL A 193 -0.36 5.07 2.98
N LEU A 194 -0.59 6.18 2.29
CA LEU A 194 0.43 7.22 2.16
C LEU A 194 0.32 8.31 3.22
N GLU A 195 -0.82 8.34 3.92
CA GLU A 195 -1.13 9.39 4.88
C GLU A 195 -1.02 10.77 4.25
N VAL A 196 -1.77 10.96 3.17
CA VAL A 196 -1.80 12.24 2.46
C VAL A 196 -3.23 12.74 2.35
N LYS A 197 -3.38 14.05 2.14
CA LYS A 197 -4.69 14.64 1.90
C LYS A 197 -5.25 14.17 0.57
N ASN A 198 -6.58 14.17 0.44
CA ASN A 198 -7.23 13.67 -0.77
C ASN A 198 -6.70 14.31 -2.04
N GLY A 199 -6.41 15.61 -1.97
CA GLY A 199 -5.92 16.34 -3.13
C GLY A 199 -4.61 15.81 -3.69
N HIS A 200 -3.79 15.19 -2.85
CA HIS A 200 -2.50 14.70 -3.31
C HIS A 200 -2.67 13.56 -4.30
N LEU A 201 -3.78 12.85 -4.22
CA LEU A 201 -4.05 11.74 -5.12
C LEU A 201 -4.22 12.23 -6.55
N LYS A 202 -4.62 13.48 -6.72
CA LYS A 202 -4.68 14.10 -8.03
C LYS A 202 -3.40 14.82 -8.43
N ASP A 203 -2.71 15.42 -7.49
CA ASP A 203 -1.50 16.18 -7.79
C ASP A 203 -0.26 15.40 -8.22
N ASP A 204 -0.07 14.21 -7.69
CA ASP A 204 1.00 13.37 -8.14
C ASP A 204 0.41 12.61 -9.27
N PRO A 205 0.91 12.82 -10.47
CA PRO A 205 0.36 12.23 -11.69
C PRO A 205 0.39 10.71 -11.67
N HIS A 206 1.33 10.13 -10.93
CA HIS A 206 1.41 8.68 -10.83
C HIS A 206 0.31 8.14 -9.92
N LEU A 207 -0.02 8.91 -8.87
CA LEU A 207 -1.14 8.54 -8.01
C LEU A 207 -2.45 8.72 -8.77
N GLU A 208 -2.51 9.74 -9.62
CA GLU A 208 -3.68 9.96 -10.45
C GLU A 208 -3.88 8.75 -11.38
N GLY A 209 -2.79 8.30 -11.98
CA GLY A 209 -2.84 7.16 -12.88
C GLY A 209 -3.23 5.86 -12.19
N ILE A 210 -2.67 5.61 -11.02
CA ILE A 210 -2.99 4.38 -10.32
C ILE A 210 -4.42 4.44 -9.79
N SER A 211 -4.90 5.65 -9.50
CA SER A 211 -6.29 5.83 -9.07
C SER A 211 -7.25 5.33 -10.14
N VAL A 212 -6.95 5.65 -11.39
CA VAL A 212 -7.75 5.18 -12.51
C VAL A 212 -7.75 3.66 -12.58
N ASP A 213 -6.58 3.06 -12.40
CA ASP A 213 -6.46 1.61 -12.48
C ASP A 213 -7.25 0.93 -11.37
N ILE A 214 -7.19 1.51 -10.17
CA ILE A 214 -7.95 0.96 -9.03
C ILE A 214 -9.44 1.07 -9.30
N ALA A 215 -9.87 2.21 -9.82
CA ALA A 215 -11.28 2.42 -10.11
C ALA A 215 -11.77 1.47 -11.20
N ARG A 216 -10.96 1.29 -12.25
CA ARG A 216 -11.34 0.42 -13.35
C ARG A 216 -11.49 -1.01 -12.86
N GLU A 217 -10.64 -1.38 -11.90
CA GLU A 217 -10.70 -2.69 -11.30
C GLU A 217 -12.06 -2.95 -10.65
N GLY A 218 -12.50 -2.00 -9.83
CA GLY A 218 -13.81 -2.10 -9.20
C GLY A 218 -14.94 -2.09 -10.21
N CYS A 219 -14.82 -1.25 -11.23
CA CYS A 219 -15.85 -1.15 -12.26
C CYS A 219 -16.04 -2.46 -13.00
N MET A 220 -14.94 -3.16 -13.25
CA MET A 220 -15.00 -4.40 -14.01
C MET A 220 -15.69 -5.49 -13.19
N VAL A 221 -15.41 -5.51 -11.89
CA VAL A 221 -16.11 -6.43 -10.99
C VAL A 221 -17.61 -6.16 -11.03
N ALA A 222 -17.98 -4.91 -10.90
CA ALA A 222 -19.38 -4.53 -10.94
C ALA A 222 -20.04 -4.99 -12.20
N GLN A 223 -19.41 -4.69 -13.30
CA GLN A 223 -19.95 -5.09 -14.59
C GLN A 223 -20.15 -6.57 -14.71
N GLN A 224 -19.23 -7.36 -14.21
CA GLN A 224 -19.38 -8.80 -14.27
C GLN A 224 -20.57 -9.27 -13.43
N LEU A 225 -20.91 -8.50 -12.41
CA LEU A 225 -22.04 -8.83 -11.54
C LEU A 225 -23.37 -8.36 -12.12
N GLY A 226 -23.30 -7.65 -13.25
CA GLY A 226 -24.51 -7.18 -13.92
C GLY A 226 -24.93 -5.82 -13.41
N ILE A 227 -24.02 -5.10 -12.81
CA ILE A 227 -24.29 -3.78 -12.28
C ILE A 227 -23.90 -2.71 -13.27
N GLU A 228 -24.75 -1.72 -13.46
CA GLU A 228 -24.47 -0.63 -14.38
C GLU A 228 -24.41 0.68 -13.61
N PHE A 229 -23.79 1.69 -14.18
CA PHE A 229 -23.62 2.96 -13.50
C PHE A 229 -24.44 4.10 -14.09
N GLU A 230 -25.12 4.87 -13.24
CA GLU A 230 -25.86 6.05 -13.68
C GLU A 230 -24.89 7.22 -13.84
N ILE A 231 -23.98 7.34 -12.88
CA ILE A 231 -22.87 8.29 -12.98
C ILE A 231 -21.55 7.55 -12.90
N HIS A 232 -20.66 7.83 -13.85
CA HIS A 232 -19.36 7.16 -13.92
C HIS A 232 -18.56 7.31 -12.63
N PRO A 233 -18.10 6.18 -12.07
CA PRO A 233 -17.28 6.22 -10.85
C PRO A 233 -16.06 7.15 -10.99
N LEU A 234 -15.43 7.19 -12.16
CA LEU A 234 -14.28 8.06 -12.36
C LEU A 234 -14.67 9.53 -12.23
N GLU A 235 -15.82 9.89 -12.78
CA GLU A 235 -16.33 11.25 -12.63
C GLU A 235 -16.60 11.56 -11.17
N LEU A 236 -17.24 10.63 -10.47
CA LEU A 236 -17.52 10.80 -9.06
C LEU A 236 -16.22 10.92 -8.26
N LEU A 237 -15.22 10.13 -8.66
CA LEU A 237 -13.93 10.14 -7.96
C LEU A 237 -13.28 11.52 -8.02
N TRP A 238 -13.16 12.08 -9.22
CA TRP A 238 -12.46 13.34 -9.38
C TRP A 238 -13.27 14.49 -8.79
N ASP A 239 -14.59 14.43 -8.94
CA ASP A 239 -15.47 15.42 -8.34
C ASP A 239 -15.32 15.40 -6.81
N THR A 240 -15.28 14.19 -6.26
CA THR A 240 -15.15 14.02 -4.82
C THR A 240 -13.81 14.61 -4.33
N ILE A 241 -12.72 14.22 -4.96
CA ILE A 241 -11.45 14.83 -4.64
C ILE A 241 -11.45 16.36 -4.79
N GLU A 242 -11.94 16.85 -5.91
CA GLU A 242 -11.91 18.28 -6.17
C GLU A 242 -12.52 19.03 -5.01
N ARG A 243 -13.48 18.41 -4.34
CA ARG A 243 -14.22 19.04 -3.28
C ARG A 243 -13.69 18.82 -1.92
N THR A 244 -12.79 17.85 -1.80
CA THR A 244 -12.25 17.51 -0.49
C THR A 244 -10.73 17.52 -0.47
N ARG A 245 -10.13 18.40 -1.26
CA ARG A 245 -8.68 18.43 -1.46
C ARG A 245 -7.87 18.47 -0.17
N GLU A 246 -8.29 19.30 0.78
CA GLU A 246 -7.51 19.50 2.00
C GLU A 246 -7.87 18.52 3.11
N ASN A 247 -8.80 17.59 2.85
CA ASN A 247 -9.23 16.63 3.86
C ASN A 247 -8.39 15.36 3.93
N TYR A 248 -8.26 14.81 5.13
CA TYR A 248 -7.77 13.45 5.30
C TYR A 248 -8.97 12.52 5.33
N ASN A 249 -8.91 11.44 4.56
CA ASN A 249 -10.07 10.56 4.42
C ASN A 249 -10.49 9.91 5.74
N SER A 250 -11.73 9.42 5.81
CA SER A 250 -12.29 8.97 7.07
C SER A 250 -11.63 7.71 7.61
N THR A 251 -11.09 6.87 6.73
CA THR A 251 -10.39 5.68 7.16
C THR A 251 -9.10 6.05 7.88
N LEU A 252 -8.34 6.96 7.27
CA LEU A 252 -7.13 7.46 7.89
C LEU A 252 -7.44 8.10 9.24
N GLN A 253 -8.53 8.87 9.27
CA GLN A 253 -8.95 9.49 10.53
C GLN A 253 -9.29 8.41 11.57
N ASP A 254 -9.95 7.34 11.13
CA ASP A 254 -10.29 6.25 12.03
C ASP A 254 -9.03 5.69 12.69
N ILE A 255 -8.02 5.43 11.88
CA ILE A 255 -6.78 4.83 12.35
C ILE A 255 -6.06 5.76 13.31
N TRP A 256 -5.98 7.05 12.96
CA TRP A 256 -5.35 8.04 13.83
C TRP A 256 -6.03 8.12 15.18
N ARG A 257 -7.33 7.84 15.22
CA ARG A 257 -8.11 7.96 16.44
C ARG A 257 -8.24 6.62 17.18
N GLY A 258 -7.70 5.56 16.60
CA GLY A 258 -7.76 4.25 17.21
C GLY A 258 -9.12 3.58 17.08
N ARG A 259 -9.85 3.94 16.04
CA ARG A 259 -11.16 3.36 15.78
C ARG A 259 -11.09 2.33 14.67
N GLU A 260 -11.99 1.36 14.68
CA GLU A 260 -12.06 0.38 13.60
C GLU A 260 -12.47 1.06 12.30
N THR A 261 -11.93 0.58 11.18
CA THR A 261 -12.25 1.14 9.88
C THR A 261 -13.34 0.32 9.20
N GLU A 262 -13.77 0.78 8.03
CA GLU A 262 -14.78 0.07 7.25
C GLU A 262 -14.21 -0.62 6.02
N VAL A 263 -12.89 -0.74 5.92
CA VAL A 263 -12.30 -1.24 4.68
C VAL A 263 -12.67 -2.69 4.37
N ASP A 264 -13.04 -3.48 5.37
CA ASP A 264 -13.50 -4.85 5.11
C ASP A 264 -14.75 -4.84 4.24
N TYR A 265 -15.49 -3.72 4.28
CA TYR A 265 -16.76 -3.59 3.57
C TYR A 265 -16.62 -2.75 2.32
N ILE A 266 -15.40 -2.31 2.05
CA ILE A 266 -15.11 -1.57 0.83
C ILE A 266 -14.20 -2.45 -0.01
N HIS A 267 -12.89 -2.36 0.21
CA HIS A 267 -11.94 -3.21 -0.51
C HIS A 267 -12.27 -4.70 -0.33
N GLY A 268 -12.59 -5.06 0.89
CA GLY A 268 -12.85 -6.46 1.23
C GLY A 268 -14.00 -7.02 0.42
N LYS A 269 -15.07 -6.24 0.29
CA LYS A 269 -16.24 -6.71 -0.44
C LYS A 269 -15.99 -6.75 -1.94
N ILE A 270 -15.27 -5.77 -2.47
CA ILE A 270 -14.92 -5.81 -3.90
C ILE A 270 -14.12 -7.08 -4.20
N VAL A 271 -13.17 -7.40 -3.33
CA VAL A 271 -12.36 -8.61 -3.46
C VAL A 271 -13.22 -9.88 -3.38
N GLU A 272 -14.09 -9.95 -2.38
CA GLU A 272 -14.93 -11.13 -2.19
C GLU A 272 -15.89 -11.35 -3.36
N TYR A 273 -16.53 -10.28 -3.82
CA TYR A 273 -17.42 -10.35 -4.97
C TYR A 273 -16.68 -10.76 -6.24
N ALA A 274 -15.48 -10.23 -6.43
CA ALA A 274 -14.67 -10.58 -7.60
C ALA A 274 -14.44 -12.09 -7.66
N ARG A 275 -14.03 -12.65 -6.52
CA ARG A 275 -13.70 -14.07 -6.45
C ARG A 275 -14.91 -14.94 -6.77
N SER A 276 -16.09 -14.46 -6.39
CA SER A 276 -17.31 -15.24 -6.55
C SER A 276 -17.68 -15.43 -8.03
N VAL A 277 -17.13 -14.59 -8.90
CA VAL A 277 -17.45 -14.68 -10.32
C VAL A 277 -16.21 -14.94 -11.18
N GLY A 278 -15.14 -15.39 -10.55
CA GLY A 278 -13.96 -15.83 -11.28
C GLY A 278 -13.04 -14.70 -11.68
N MET A 279 -13.00 -13.65 -10.86
CA MET A 279 -12.08 -12.54 -11.09
C MET A 279 -11.21 -12.29 -9.87
N GLU A 280 -10.16 -11.50 -10.07
CA GLU A 280 -9.40 -10.93 -8.96
C GLU A 280 -9.58 -9.42 -8.95
N ALA A 281 -9.39 -8.82 -7.79
CA ALA A 281 -9.25 -7.37 -7.67
C ALA A 281 -7.95 -7.15 -6.93
N PRO A 282 -6.82 -7.34 -7.62
CA PRO A 282 -5.51 -7.39 -6.96
C PRO A 282 -5.11 -6.08 -6.28
N ARG A 283 -5.44 -4.94 -6.87
CA ARG A 283 -5.05 -3.67 -6.28
C ARG A 283 -5.88 -3.43 -5.03
N ASN A 284 -7.17 -3.72 -5.12
CA ASN A 284 -8.03 -3.64 -3.94
C ASN A 284 -7.55 -4.57 -2.84
N GLU A 285 -7.14 -5.78 -3.22
CA GLU A 285 -6.70 -6.74 -2.23
C GLU A 285 -5.44 -6.26 -1.52
N LEU A 286 -4.49 -5.71 -2.28
CA LEU A 286 -3.27 -5.21 -1.69
C LEU A 286 -3.54 -4.01 -0.78
N LEU A 287 -4.36 -3.08 -1.25
CA LEU A 287 -4.75 -1.94 -0.42
C LEU A 287 -5.42 -2.39 0.87
N TRP A 288 -6.30 -3.37 0.76
CA TRP A 288 -7.01 -3.93 1.92
C TRP A 288 -6.01 -4.43 2.96
N VAL A 289 -5.07 -5.26 2.53
CA VAL A 289 -4.07 -5.82 3.42
C VAL A 289 -3.18 -4.72 4.01
N LEU A 290 -2.77 -3.76 3.20
CA LEU A 290 -1.91 -2.69 3.69
C LEU A 290 -2.59 -1.83 4.76
N VAL A 291 -3.86 -1.50 4.55
CA VAL A 291 -4.58 -0.65 5.50
C VAL A 291 -4.81 -1.40 6.81
N LYS A 292 -5.21 -2.67 6.70
CA LYS A 292 -5.44 -3.47 7.90
C LYS A 292 -4.13 -3.71 8.65
N ALA A 293 -3.03 -3.90 7.92
CA ALA A 293 -1.73 -4.09 8.55
C ALA A 293 -1.27 -2.83 9.26
N LYS A 294 -1.49 -1.69 8.62
CA LYS A 294 -1.15 -0.40 9.22
C LYS A 294 -1.89 -0.23 10.54
N GLU A 295 -3.15 -0.64 10.55
CA GLU A 295 -3.97 -0.55 11.76
C GLU A 295 -3.40 -1.42 12.88
N ARG A 296 -3.08 -2.68 12.56
CA ARG A 296 -2.53 -3.57 13.57
C ARG A 296 -1.21 -3.05 14.13
N ILE A 297 -0.37 -2.52 13.25
CA ILE A 297 0.91 -1.95 13.66
C ILE A 297 0.73 -0.79 14.63
N ASN A 298 -0.23 0.06 14.37
CA ASN A 298 -0.49 1.19 15.23
C ASN A 298 -1.10 0.81 16.53
N ARG A 299 -2.00 -0.15 16.50
CA ARG A 299 -2.70 -0.55 17.71
C ARG A 299 -1.68 -1.10 18.63
N GLY A 300 -0.89 -2.02 18.13
CA GLY A 300 0.22 -2.51 18.90
C GLY A 300 1.44 -1.67 18.62
N MET B 1 43.51 -11.80 -4.82
CA MET B 1 42.93 -11.20 -6.02
C MET B 1 42.85 -9.69 -5.88
N ARG B 2 43.11 -8.96 -6.96
CA ARG B 2 42.97 -7.51 -6.95
C ARG B 2 41.53 -7.15 -7.28
N ILE B 3 40.84 -6.56 -6.32
CA ILE B 3 39.41 -6.32 -6.43
C ILE B 3 39.09 -4.86 -6.17
N TYR B 4 38.36 -4.22 -7.07
CA TYR B 4 37.84 -2.88 -6.81
C TYR B 4 36.37 -2.99 -6.57
N VAL B 5 35.91 -2.42 -5.46
CA VAL B 5 34.49 -2.40 -5.16
C VAL B 5 33.95 -1.03 -5.53
N LEU B 6 33.09 -1.00 -6.54
CA LEU B 6 32.55 0.24 -7.07
C LEU B 6 31.23 0.55 -6.40
N GLY B 7 31.27 1.47 -5.43
CA GLY B 7 30.14 1.77 -4.58
C GLY B 7 30.50 1.40 -3.16
N ALA B 8 30.57 2.39 -2.28
CA ALA B 8 31.04 2.18 -0.92
C ALA B 8 29.92 2.31 0.09
N GLY B 9 28.70 2.02 -0.36
CA GLY B 9 27.55 1.92 0.54
C GLY B 9 27.62 0.71 1.46
N SER B 10 26.49 0.35 2.06
CA SER B 10 26.48 -0.72 3.04
C SER B 10 26.95 -2.05 2.48
N ILE B 11 26.41 -2.47 1.34
CA ILE B 11 26.75 -3.79 0.81
C ILE B 11 28.14 -3.81 0.20
N GLY B 12 28.51 -2.74 -0.51
CA GLY B 12 29.87 -2.63 -1.02
C GLY B 12 30.90 -2.65 0.10
N SER B 13 30.62 -1.90 1.16
CA SER B 13 31.51 -1.85 2.32
C SER B 13 31.62 -3.22 2.98
N LEU B 14 30.48 -3.90 3.13
CA LEU B 14 30.50 -5.24 3.71
C LEU B 14 31.36 -6.20 2.87
N PHE B 15 31.13 -6.24 1.56
CA PHE B 15 31.91 -7.13 0.71
C PHE B 15 33.39 -6.75 0.72
N GLY B 16 33.66 -5.45 0.60
CA GLY B 16 35.03 -4.96 0.64
C GLY B 16 35.74 -5.33 1.92
N ALA B 17 35.04 -5.20 3.03
CA ALA B 17 35.62 -5.50 4.33
C ALA B 17 35.95 -6.98 4.45
N LEU B 18 35.03 -7.84 4.03
CA LEU B 18 35.25 -9.28 4.14
C LEU B 18 36.41 -9.72 3.24
N LEU B 19 36.44 -9.17 2.03
CA LEU B 19 37.49 -9.53 1.07
C LEU B 19 38.86 -9.02 1.54
N ALA B 20 38.87 -7.84 2.18
CA ALA B 20 40.09 -7.27 2.72
C ALA B 20 40.61 -8.09 3.90
N ARG B 21 39.71 -8.52 4.77
CA ARG B 21 40.09 -9.32 5.93
C ARG B 21 40.80 -10.59 5.49
N ALA B 22 40.37 -11.14 4.36
CA ALA B 22 40.91 -12.40 3.84
C ALA B 22 42.28 -12.21 3.21
N GLY B 23 42.69 -10.96 2.99
CA GLY B 23 44.01 -10.69 2.47
C GLY B 23 44.06 -10.31 1.01
N ASN B 24 42.90 -10.12 0.38
CA ASN B 24 42.84 -9.67 -1.00
C ASN B 24 43.23 -8.22 -1.12
N ASP B 25 43.68 -7.83 -2.31
CA ASP B 25 44.07 -6.46 -2.58
C ASP B 25 42.83 -5.67 -2.97
N VAL B 26 42.22 -5.02 -1.98
CA VAL B 26 40.92 -4.40 -2.13
C VAL B 26 40.99 -2.87 -2.13
N THR B 27 40.34 -2.27 -3.11
CA THR B 27 40.15 -0.83 -3.14
C THR B 27 38.66 -0.55 -3.24
N LEU B 28 38.15 0.33 -2.37
CA LEU B 28 36.77 0.77 -2.48
C LEU B 28 36.73 2.11 -3.20
N ILE B 29 35.87 2.19 -4.22
CA ILE B 29 35.67 3.43 -4.95
C ILE B 29 34.30 3.98 -4.59
N GLY B 30 34.27 5.18 -4.01
CA GLY B 30 33.02 5.73 -3.55
C GLY B 30 33.07 7.23 -3.33
N ARG B 31 32.12 7.71 -2.53
CA ARG B 31 31.98 9.15 -2.31
C ARG B 31 32.95 9.63 -1.24
N ARG B 32 33.22 10.94 -1.26
CA ARG B 32 34.25 11.54 -0.43
C ARG B 32 34.14 11.20 1.06
N GLU B 33 32.94 11.30 1.62
CA GLU B 33 32.76 11.11 3.07
C GLU B 33 33.13 9.71 3.51
N GLN B 34 32.71 8.71 2.74
CA GLN B 34 33.00 7.32 3.06
C GLN B 34 34.48 7.03 2.84
N VAL B 35 35.00 7.51 1.72
CA VAL B 35 36.41 7.32 1.39
C VAL B 35 37.32 7.90 2.46
N ASP B 36 37.04 9.12 2.89
CA ASP B 36 37.86 9.77 3.91
C ASP B 36 37.81 9.02 5.24
N ALA B 37 36.63 8.53 5.60
CA ALA B 37 36.46 7.78 6.86
C ALA B 37 37.26 6.48 6.84
N ILE B 38 37.19 5.77 5.72
CA ILE B 38 37.92 4.51 5.60
C ILE B 38 39.43 4.75 5.67
N ASN B 39 39.92 5.74 4.93
CA ASN B 39 41.35 6.03 4.91
C ASN B 39 41.86 6.51 6.27
N LYS B 40 40.99 7.15 7.05
CA LYS B 40 41.39 7.68 8.35
C LYS B 40 41.25 6.66 9.49
N ASN B 41 40.09 6.01 9.57
CA ASN B 41 39.77 5.17 10.72
C ASN B 41 39.50 3.71 10.36
N GLY B 42 39.72 3.36 9.10
CA GLY B 42 39.44 2.02 8.63
C GLY B 42 37.95 1.76 8.44
N LEU B 43 37.62 0.52 8.09
CA LEU B 43 36.23 0.14 7.85
C LEU B 43 35.81 -0.83 8.95
N HIS B 44 34.77 -0.46 9.70
CA HIS B 44 34.34 -1.26 10.85
C HIS B 44 32.99 -1.91 10.59
N VAL B 45 32.95 -3.24 10.71
CA VAL B 45 31.72 -4.00 10.59
C VAL B 45 31.26 -4.41 11.99
N PHE B 46 29.97 -4.30 12.26
CA PHE B 46 29.44 -4.82 13.51
C PHE B 46 28.09 -5.48 13.30
N GLY B 47 27.53 -6.05 14.37
CA GLY B 47 26.28 -6.80 14.25
C GLY B 47 26.55 -8.29 14.09
N ALA B 48 26.29 -8.82 12.89
CA ALA B 48 26.41 -10.27 12.67
C ALA B 48 27.83 -10.75 12.99
N GLU B 49 28.81 -9.96 12.57
CA GLU B 49 30.19 -10.15 13.00
C GLU B 49 30.76 -8.78 13.34
N GLU B 50 31.80 -8.78 14.15
CA GLU B 50 32.44 -7.54 14.56
C GLU B 50 33.93 -7.58 14.23
N PHE B 51 34.36 -6.73 13.32
CA PHE B 51 35.77 -6.65 12.98
C PHE B 51 36.09 -5.35 12.24
N THR B 52 37.37 -5.02 12.18
CA THR B 52 37.80 -3.81 11.50
C THR B 52 38.96 -4.15 10.56
N VAL B 53 38.94 -3.51 9.39
CA VAL B 53 39.99 -3.72 8.41
C VAL B 53 40.25 -2.38 7.71
N LYS B 54 41.40 -2.25 7.05
CA LYS B 54 41.64 -1.01 6.32
C LYS B 54 41.99 -1.27 4.86
N PRO B 55 40.96 -1.45 4.03
CA PRO B 55 41.19 -1.53 2.59
C PRO B 55 41.59 -0.16 2.05
N LYS B 56 42.06 -0.13 0.81
CA LYS B 56 42.31 1.14 0.16
C LYS B 56 40.97 1.75 -0.22
N ALA B 57 40.91 3.07 -0.26
CA ALA B 57 39.69 3.78 -0.65
C ALA B 57 40.04 5.03 -1.43
N THR B 58 39.23 5.34 -2.42
CA THR B 58 39.51 6.45 -3.33
C THR B 58 38.25 6.93 -4.01
N ILE B 59 38.20 8.22 -4.36
CA ILE B 59 37.05 8.73 -5.09
C ILE B 59 37.26 8.59 -6.59
N TYR B 60 38.49 8.24 -6.99
CA TYR B 60 38.85 8.07 -8.39
C TYR B 60 39.25 6.63 -8.69
N ALA B 61 38.92 6.16 -9.89
CA ALA B 61 39.31 4.82 -10.29
C ALA B 61 40.83 4.73 -10.40
N PRO B 62 41.43 3.69 -9.81
CA PRO B 62 42.85 3.43 -10.04
C PRO B 62 43.13 3.19 -11.52
N GLU B 63 44.34 3.50 -11.98
CA GLU B 63 44.66 3.32 -13.38
C GLU B 63 44.80 1.84 -13.74
N GLU B 64 45.40 1.08 -12.83
CA GLU B 64 45.62 -0.35 -13.05
C GLU B 64 44.29 -1.10 -13.09
N PRO B 65 44.08 -1.91 -14.13
CA PRO B 65 42.89 -2.74 -14.15
C PRO B 65 42.90 -3.76 -13.00
N PRO B 66 41.75 -3.97 -12.35
CA PRO B 66 41.64 -5.03 -11.35
C PRO B 66 41.34 -6.37 -11.99
N ASP B 67 41.48 -7.45 -11.24
CA ASP B 67 41.02 -8.74 -11.73
C ASP B 67 39.50 -8.71 -11.76
N LEU B 68 38.92 -8.07 -10.75
CA LEU B 68 37.48 -8.05 -10.56
C LEU B 68 37.00 -6.66 -10.17
N LEU B 69 35.98 -6.18 -10.86
CA LEU B 69 35.29 -4.95 -10.50
C LEU B 69 33.90 -5.31 -10.01
N ILE B 70 33.60 -4.99 -8.75
CA ILE B 70 32.29 -5.32 -8.17
C ILE B 70 31.40 -4.08 -8.15
N LEU B 71 30.31 -4.14 -8.91
CA LEU B 71 29.30 -3.08 -8.89
C LEU B 71 28.43 -3.25 -7.67
N ALA B 72 28.42 -2.26 -6.80
CA ALA B 72 27.65 -2.36 -5.56
C ALA B 72 26.82 -1.10 -5.30
N VAL B 73 26.86 -0.16 -6.23
CA VAL B 73 26.11 1.08 -6.09
C VAL B 73 24.61 0.85 -6.24
N LYS B 74 23.79 1.79 -5.76
CA LYS B 74 22.36 1.72 -6.01
C LYS B 74 22.14 1.77 -7.52
N SER B 75 21.09 1.12 -8.01
CA SER B 75 20.94 0.91 -9.45
C SER B 75 20.75 2.18 -10.26
N TYR B 76 20.25 3.25 -9.63
CA TYR B 76 20.09 4.52 -10.33
C TYR B 76 21.44 5.20 -10.55
N SER B 77 22.51 4.62 -10.01
CA SER B 77 23.84 5.21 -10.15
C SER B 77 24.79 4.32 -10.93
N THR B 78 24.27 3.23 -11.49
CA THR B 78 25.11 2.28 -12.20
C THR B 78 25.84 2.92 -13.37
N LYS B 79 25.14 3.72 -14.16
CA LYS B 79 25.77 4.42 -15.27
C LYS B 79 26.86 5.40 -14.81
N THR B 80 26.58 6.15 -13.75
CA THR B 80 27.57 7.08 -13.21
C THR B 80 28.81 6.32 -12.75
N ALA B 81 28.59 5.19 -12.09
CA ALA B 81 29.69 4.39 -11.56
C ALA B 81 30.57 3.85 -12.67
N LEU B 82 29.96 3.30 -13.72
CA LEU B 82 30.71 2.69 -14.80
C LEU B 82 31.50 3.73 -15.56
N GLU B 83 30.94 4.94 -15.65
CA GLU B 83 31.65 6.05 -16.29
C GLU B 83 32.84 6.48 -15.44
N CYS B 84 32.66 6.51 -14.13
CA CYS B 84 33.76 6.83 -13.22
C CYS B 84 34.88 5.79 -13.31
N ALA B 85 34.50 4.55 -13.61
CA ALA B 85 35.46 3.45 -13.58
C ALA B 85 35.91 2.94 -14.95
N ARG B 86 35.41 3.53 -16.03
CA ARG B 86 35.60 2.96 -17.37
C ARG B 86 37.07 2.74 -17.76
N GLN B 87 37.95 3.60 -17.29
CA GLN B 87 39.35 3.52 -17.69
C GLN B 87 40.06 2.31 -17.07
N CYS B 88 39.53 1.78 -15.98
CA CYS B 88 40.20 0.67 -15.30
C CYS B 88 39.66 -0.68 -15.75
N ILE B 89 38.69 -0.67 -16.67
CA ILE B 89 38.14 -1.93 -17.16
C ILE B 89 39.04 -2.45 -18.27
N GLY B 90 40.02 -3.27 -17.89
CA GLY B 90 40.97 -3.82 -18.83
C GLY B 90 40.41 -5.03 -19.56
N ARG B 91 41.18 -5.55 -20.51
CA ARG B 91 40.71 -6.64 -21.36
C ARG B 91 40.30 -7.88 -20.57
N ASN B 92 40.98 -8.11 -19.45
CA ASN B 92 40.72 -9.31 -18.66
C ASN B 92 39.98 -9.03 -17.35
N THR B 93 39.61 -7.77 -17.13
CA THR B 93 38.81 -7.41 -15.97
C THR B 93 37.38 -7.94 -16.11
N TRP B 94 36.90 -8.64 -15.08
CA TRP B 94 35.49 -9.01 -15.02
C TRP B 94 34.73 -8.02 -14.16
N VAL B 95 33.50 -7.75 -14.56
CA VAL B 95 32.59 -6.92 -13.76
C VAL B 95 31.50 -7.81 -13.19
N LEU B 96 31.36 -7.77 -11.87
CA LEU B 96 30.31 -8.51 -11.18
C LEU B 96 29.36 -7.52 -10.55
N SER B 97 28.07 -7.65 -10.86
CA SER B 97 27.08 -6.83 -10.14
C SER B 97 26.47 -7.65 -9.03
N ILE B 98 26.49 -7.12 -7.81
CA ILE B 98 25.75 -7.74 -6.70
C ILE B 98 24.59 -6.83 -6.30
N GLN B 99 24.23 -5.96 -7.23
CA GLN B 99 23.17 -4.97 -6.99
C GLN B 99 21.77 -5.56 -7.01
N ASN B 100 20.87 -4.92 -6.27
CA ASN B 100 19.45 -5.18 -6.41
C ASN B 100 18.97 -4.84 -7.82
N GLY B 101 17.81 -5.37 -8.18
CA GLY B 101 17.16 -4.94 -9.39
C GLY B 101 17.60 -5.69 -10.62
N LEU B 102 17.09 -5.23 -11.76
CA LEU B 102 17.32 -5.87 -13.05
C LEU B 102 17.98 -4.88 -13.98
N GLY B 103 18.84 -5.38 -14.85
CA GLY B 103 19.36 -4.57 -15.93
C GLY B 103 20.78 -4.06 -15.73
N ASN B 104 21.30 -4.21 -14.52
CA ASN B 104 22.65 -3.69 -14.24
C ASN B 104 23.72 -4.44 -15.05
N GLU B 105 23.57 -5.76 -15.15
CA GLU B 105 24.50 -6.56 -15.94
C GLU B 105 24.50 -6.15 -17.40
N GLU B 106 23.30 -5.90 -17.92
CA GLU B 106 23.15 -5.46 -19.31
C GLU B 106 23.87 -4.13 -19.54
N LEU B 107 23.85 -3.24 -18.56
CA LEU B 107 24.59 -1.97 -18.68
C LEU B 107 26.09 -2.21 -18.69
N ALA B 108 26.55 -3.15 -17.86
CA ALA B 108 27.97 -3.48 -17.80
C ALA B 108 28.45 -4.11 -19.09
N LEU B 109 27.58 -4.89 -19.73
CA LEU B 109 27.94 -5.56 -20.98
C LEU B 109 28.19 -4.58 -22.12
N LYS B 110 27.80 -3.33 -21.92
CA LYS B 110 28.08 -2.27 -22.89
C LYS B 110 29.55 -1.89 -22.89
N TYR B 111 30.24 -2.24 -21.81
CA TYR B 111 31.65 -1.89 -21.61
C TYR B 111 32.58 -3.07 -21.87
N THR B 112 32.12 -4.27 -21.54
CA THR B 112 32.94 -5.48 -21.62
C THR B 112 32.07 -6.71 -21.71
N PRO B 113 32.54 -7.75 -22.41
CA PRO B 113 31.78 -9.01 -22.42
C PRO B 113 31.96 -9.80 -21.13
N ASN B 114 32.93 -9.41 -20.31
CA ASN B 114 33.28 -10.15 -19.09
C ASN B 114 32.41 -9.73 -17.91
N VAL B 115 31.16 -10.16 -17.94
CA VAL B 115 30.21 -9.76 -16.91
C VAL B 115 29.62 -10.97 -16.20
N MET B 116 29.61 -10.92 -14.87
CA MET B 116 28.87 -11.92 -14.13
C MET B 116 27.74 -11.27 -13.34
N GLY B 117 26.65 -11.99 -13.22
CA GLY B 117 25.51 -11.56 -12.43
C GLY B 117 25.60 -12.16 -11.04
N GLY B 118 25.25 -11.36 -10.04
CA GLY B 118 25.30 -11.82 -8.67
C GLY B 118 24.06 -11.45 -7.89
N VAL B 119 23.71 -12.34 -6.96
CA VAL B 119 22.66 -12.09 -5.99
C VAL B 119 23.27 -12.24 -4.61
N THR B 120 22.98 -11.30 -3.72
CA THR B 120 23.32 -11.53 -2.32
C THR B 120 22.12 -11.21 -1.45
N THR B 121 21.89 -12.02 -0.43
CA THR B 121 20.74 -11.79 0.45
C THR B 121 21.22 -11.27 1.81
N ASN B 122 22.48 -10.84 1.87
CA ASN B 122 22.96 -10.09 3.03
C ASN B 122 22.15 -8.81 3.23
N GLY B 123 21.93 -8.46 4.49
CA GLY B 123 21.28 -7.22 4.85
C GLY B 123 22.26 -6.35 5.60
N ALA B 124 22.37 -5.09 5.21
CA ALA B 124 23.32 -4.18 5.85
C ALA B 124 22.80 -2.76 5.91
N MET B 125 23.38 -1.97 6.80
CA MET B 125 23.05 -0.56 6.92
C MET B 125 24.28 0.24 7.30
N LEU B 126 24.57 1.29 6.54
CA LEU B 126 25.68 2.18 6.90
C LEU B 126 25.19 3.16 7.96
N VAL B 127 25.68 3.00 9.19
CA VAL B 127 25.15 3.79 10.30
C VAL B 127 25.95 5.07 10.53
N GLU B 128 27.24 5.02 10.22
CA GLU B 128 28.10 6.21 10.22
C GLU B 128 29.09 6.03 9.09
N TRP B 129 29.74 7.10 8.65
CA TRP B 129 30.80 6.94 7.67
C TRP B 129 31.85 6.00 8.25
N GLY B 130 32.14 4.92 7.52
CA GLY B 130 33.15 3.96 7.94
C GLY B 130 32.64 2.86 8.87
N LYS B 131 31.34 2.86 9.15
CA LYS B 131 30.76 1.90 10.11
C LYS B 131 29.54 1.20 9.53
N VAL B 132 29.68 -0.08 9.21
CA VAL B 132 28.56 -0.79 8.60
C VAL B 132 27.97 -1.84 9.55
N LEU B 133 26.67 -1.77 9.71
CA LEU B 133 25.93 -2.79 10.46
C LEU B 133 25.57 -3.95 9.55
N TRP B 134 26.11 -5.12 9.85
CA TRP B 134 25.74 -6.36 9.16
C TRP B 134 24.50 -6.89 9.88
N ALA B 135 23.33 -6.59 9.35
CA ALA B 135 22.07 -6.84 10.04
C ALA B 135 21.52 -8.24 9.76
N GLY B 136 21.93 -8.82 8.65
CA GLY B 136 21.44 -10.14 8.27
C GLY B 136 22.48 -10.88 7.46
N LYS B 137 22.82 -12.09 7.89
CA LYS B 137 23.81 -12.89 7.18
C LYS B 137 23.12 -13.75 6.12
N GLY B 138 23.38 -13.42 4.86
CA GLY B 138 22.67 -14.06 3.77
C GLY B 138 23.57 -14.97 2.96
N ILE B 139 23.10 -15.32 1.77
CA ILE B 139 23.87 -16.16 0.85
C ILE B 139 24.18 -15.37 -0.40
N THR B 140 25.15 -15.85 -1.18
CA THR B 140 25.53 -15.19 -2.41
C THR B 140 25.62 -16.23 -3.53
N VAL B 141 25.12 -15.86 -4.71
CA VAL B 141 25.19 -16.73 -5.88
C VAL B 141 25.66 -15.87 -7.05
N ILE B 142 26.65 -16.38 -7.78
CA ILE B 142 27.19 -15.63 -8.92
C ILE B 142 27.28 -16.53 -10.13
N GLY B 143 27.23 -15.93 -11.31
CA GLY B 143 27.38 -16.70 -12.52
C GLY B 143 27.66 -15.86 -13.75
N ARG B 144 28.26 -16.48 -14.77
CA ARG B 144 28.45 -15.82 -16.06
C ARG B 144 27.11 -15.30 -16.56
N TYR B 145 27.05 -14.04 -16.97
CA TYR B 145 25.78 -13.46 -17.39
C TYR B 145 25.57 -13.51 -18.90
N PRO B 146 24.38 -13.90 -19.35
CA PRO B 146 23.21 -14.28 -18.54
C PRO B 146 23.19 -15.74 -18.10
N THR B 147 23.91 -16.59 -18.83
CA THR B 147 23.98 -18.01 -18.52
C THR B 147 25.36 -18.56 -18.86
N GLY B 148 25.60 -19.81 -18.50
CA GLY B 148 26.84 -20.49 -18.87
C GLY B 148 27.87 -20.49 -17.78
N ARG B 149 29.12 -20.77 -18.14
CA ARG B 149 30.17 -20.85 -17.13
C ARG B 149 31.48 -20.27 -17.63
N ASP B 150 32.35 -19.93 -16.69
CA ASP B 150 33.70 -19.48 -17.00
C ASP B 150 34.61 -19.80 -15.84
N ASP B 151 35.85 -20.17 -16.14
CA ASP B 151 36.81 -20.50 -15.10
C ASP B 151 36.99 -19.36 -14.11
N PHE B 152 36.90 -18.12 -14.58
CA PHE B 152 37.15 -17.00 -13.67
C PHE B 152 35.98 -16.79 -12.71
N VAL B 153 34.75 -17.09 -13.15
CA VAL B 153 33.61 -17.08 -12.26
C VAL B 153 33.84 -18.06 -11.12
N ASP B 154 34.33 -19.25 -11.45
CA ASP B 154 34.62 -20.26 -10.43
C ASP B 154 35.70 -19.75 -9.47
N GLU B 155 36.71 -19.08 -10.02
CA GLU B 155 37.79 -18.55 -9.19
C GLU B 155 37.27 -17.50 -8.23
N VAL B 156 36.41 -16.60 -8.72
CA VAL B 156 35.83 -15.58 -7.85
C VAL B 156 35.00 -16.22 -6.74
N ALA B 157 34.23 -17.25 -7.07
CA ALA B 157 33.43 -17.90 -6.04
C ALA B 157 34.35 -18.53 -4.97
N SER B 158 35.48 -19.07 -5.42
CA SER B 158 36.46 -19.62 -4.49
C SER B 158 37.03 -18.55 -3.56
N VAL B 159 37.38 -17.41 -4.14
CA VAL B 159 37.87 -16.28 -3.34
C VAL B 159 36.81 -15.81 -2.35
N PHE B 160 35.56 -15.71 -2.80
CA PHE B 160 34.47 -15.28 -1.91
C PHE B 160 34.33 -16.25 -0.73
N ASN B 161 34.28 -17.54 -1.02
CA ASN B 161 34.10 -18.52 0.05
C ASN B 161 35.25 -18.51 1.06
N GLU B 162 36.47 -18.34 0.54
CA GLU B 162 37.65 -18.27 1.40
C GLU B 162 37.56 -17.09 2.35
N ALA B 163 36.88 -16.03 1.91
CA ALA B 163 36.75 -14.80 2.69
C ALA B 163 35.54 -14.82 3.63
N GLY B 164 34.77 -15.91 3.60
CA GLY B 164 33.59 -16.02 4.44
C GLY B 164 32.33 -15.44 3.81
N ILE B 165 32.37 -15.23 2.50
CA ILE B 165 31.19 -14.86 1.75
C ILE B 165 30.63 -16.15 1.13
N ASP B 166 29.66 -16.75 1.80
CA ASP B 166 29.12 -18.05 1.37
C ASP B 166 28.52 -17.94 -0.01
N THR B 167 29.14 -18.63 -0.98
CA THR B 167 28.84 -18.38 -2.38
C THR B 167 28.72 -19.70 -3.17
N SER B 168 27.74 -19.76 -4.05
CA SER B 168 27.65 -20.83 -5.04
C SER B 168 27.67 -20.25 -6.45
N VAL B 169 28.08 -21.08 -7.40
CA VAL B 169 28.08 -20.67 -8.80
C VAL B 169 26.85 -21.21 -9.50
N THR B 170 26.24 -20.39 -10.34
CA THR B 170 25.11 -20.80 -11.14
C THR B 170 25.40 -20.65 -12.63
N GLU B 171 24.83 -21.52 -13.44
CA GLU B 171 24.94 -21.39 -14.88
C GLU B 171 23.67 -20.75 -15.43
N ASN B 172 22.85 -20.24 -14.50
CA ASN B 172 21.61 -19.54 -14.84
C ASN B 172 21.49 -18.26 -14.00
N ALA B 173 22.45 -17.37 -14.18
CA ALA B 173 22.49 -16.13 -13.40
C ALA B 173 21.27 -15.27 -13.64
N ILE B 174 20.80 -15.21 -14.88
CA ILE B 174 19.66 -14.33 -15.18
C ILE B 174 18.43 -14.79 -14.41
N GLY B 175 18.25 -16.11 -14.28
CA GLY B 175 17.15 -16.63 -13.48
C GLY B 175 17.29 -16.24 -12.01
N TRP B 176 18.52 -16.22 -11.53
CA TRP B 176 18.77 -15.84 -10.14
C TRP B 176 18.52 -14.35 -9.93
N LYS B 177 18.91 -13.53 -10.90
CA LYS B 177 18.61 -12.10 -10.81
C LYS B 177 17.10 -11.87 -10.72
N TRP B 178 16.35 -12.60 -11.51
CA TRP B 178 14.89 -12.48 -11.46
C TRP B 178 14.29 -13.01 -10.15
N ALA B 179 14.82 -14.12 -9.63
CA ALA B 179 14.37 -14.63 -8.34
C ALA B 179 14.55 -13.59 -7.25
N LYS B 180 15.71 -12.94 -7.23
CA LYS B 180 15.99 -11.92 -6.23
C LYS B 180 15.11 -10.68 -6.47
N ALA B 181 14.88 -10.34 -7.73
CA ALA B 181 14.03 -9.19 -8.04
C ALA B 181 12.61 -9.42 -7.50
N ILE B 182 12.13 -10.65 -7.64
CA ILE B 182 10.80 -11.00 -7.13
C ILE B 182 10.79 -10.94 -5.60
N VAL B 183 11.87 -11.44 -4.98
CA VAL B 183 12.01 -11.34 -3.54
C VAL B 183 12.02 -9.87 -3.08
N ASN B 184 12.80 -9.03 -3.76
CA ASN B 184 12.83 -7.62 -3.38
C ASN B 184 11.49 -6.92 -3.66
N SER B 185 10.77 -7.36 -4.67
CA SER B 185 9.47 -6.76 -4.97
C SER B 185 8.55 -6.91 -3.75
N VAL B 186 8.63 -8.06 -3.09
CA VAL B 186 7.84 -8.28 -1.88
C VAL B 186 8.41 -7.49 -0.71
N ILE B 187 9.68 -7.71 -0.40
CA ILE B 187 10.26 -7.12 0.81
C ILE B 187 10.38 -5.61 0.73
N ASN B 188 10.98 -5.11 -0.35
CA ASN B 188 11.20 -3.68 -0.47
C ASN B 188 9.93 -2.91 -0.81
N GLY B 189 8.90 -3.65 -1.27
CA GLY B 189 7.59 -3.05 -1.46
C GLY B 189 6.82 -2.98 -0.14
N LEU B 190 6.46 -4.13 0.40
CA LEU B 190 5.66 -4.14 1.63
C LEU B 190 6.39 -3.53 2.83
N GLY B 191 7.66 -3.88 3.02
CA GLY B 191 8.40 -3.37 4.16
C GLY B 191 8.54 -1.86 4.11
N THR B 192 8.66 -1.32 2.91
CA THR B 192 8.82 0.11 2.77
C THR B 192 7.51 0.87 2.97
N VAL B 193 6.42 0.36 2.41
CA VAL B 193 5.13 1.04 2.55
C VAL B 193 4.69 1.06 4.01
N LEU B 194 4.92 -0.06 4.72
CA LEU B 194 4.50 -0.17 6.11
C LEU B 194 5.56 0.33 7.10
N GLU B 195 6.77 0.54 6.59
CA GLU B 195 7.92 0.99 7.39
C GLU B 195 8.20 0.05 8.57
N VAL B 196 8.42 -1.22 8.25
CA VAL B 196 8.73 -2.25 9.26
C VAL B 196 9.98 -3.03 8.90
N LYS B 197 10.55 -3.72 9.88
CA LYS B 197 11.65 -4.66 9.64
C LYS B 197 11.18 -5.80 8.78
N ASN B 198 12.12 -6.43 8.06
CA ASN B 198 11.75 -7.51 7.14
C ASN B 198 10.95 -8.63 7.80
N GLY B 199 11.30 -8.97 9.03
CA GLY B 199 10.70 -10.09 9.74
C GLY B 199 9.20 -9.95 9.91
N HIS B 200 8.72 -8.71 9.95
CA HIS B 200 7.30 -8.49 10.18
C HIS B 200 6.44 -9.03 9.02
N LEU B 201 7.04 -9.14 7.84
CA LEU B 201 6.30 -9.60 6.67
C LEU B 201 5.95 -11.09 6.76
N LYS B 202 6.76 -11.83 7.51
CA LYS B 202 6.48 -13.25 7.75
C LYS B 202 5.66 -13.42 9.01
N ASP B 203 5.81 -12.51 9.95
CA ASP B 203 5.11 -12.62 11.23
C ASP B 203 3.60 -12.42 11.10
N ASP B 204 3.18 -11.47 10.26
CA ASP B 204 1.77 -11.18 10.04
C ASP B 204 1.23 -12.11 8.96
N PRO B 205 0.29 -13.00 9.31
CA PRO B 205 -0.24 -13.99 8.36
C PRO B 205 -0.91 -13.37 7.12
N HIS B 206 -1.46 -12.17 7.24
CA HIS B 206 -2.10 -11.52 6.11
C HIS B 206 -1.07 -10.93 5.16
N LEU B 207 0.02 -10.42 5.72
CA LEU B 207 1.14 -9.96 4.90
C LEU B 207 1.81 -11.15 4.25
N GLU B 208 1.86 -12.26 4.99
CA GLU B 208 2.42 -13.48 4.46
C GLU B 208 1.67 -13.92 3.20
N GLY B 209 0.33 -13.90 3.27
CA GLY B 209 -0.49 -14.32 2.17
C GLY B 209 -0.38 -13.44 0.93
N ILE B 210 -0.37 -12.13 1.13
CA ILE B 210 -0.28 -11.21 -0.01
C ILE B 210 1.11 -11.31 -0.61
N SER B 211 2.10 -11.67 0.22
CA SER B 211 3.47 -11.84 -0.27
C SER B 211 3.53 -12.95 -1.31
N VAL B 212 2.79 -14.01 -1.07
CA VAL B 212 2.73 -15.11 -2.01
C VAL B 212 2.14 -14.64 -3.34
N ASP B 213 1.06 -13.86 -3.26
CA ASP B 213 0.40 -13.37 -4.46
C ASP B 213 1.33 -12.45 -5.25
N ILE B 214 2.08 -11.60 -4.56
CA ILE B 214 3.00 -10.69 -5.23
C ILE B 214 4.11 -11.51 -5.90
N ALA B 215 4.62 -12.52 -5.19
CA ALA B 215 5.66 -13.37 -5.75
C ALA B 215 5.17 -14.12 -6.99
N ARG B 216 3.94 -14.62 -6.93
CA ARG B 216 3.38 -15.38 -8.04
C ARG B 216 3.26 -14.50 -9.28
N GLU B 217 2.84 -13.26 -9.07
CA GLU B 217 2.72 -12.30 -10.16
C GLU B 217 4.05 -12.15 -10.89
N GLY B 218 5.12 -11.89 -10.14
CA GLY B 218 6.46 -11.80 -10.69
C GLY B 218 6.92 -13.07 -11.37
N CYS B 219 6.66 -14.22 -10.77
CA CYS B 219 7.00 -15.50 -11.40
C CYS B 219 6.31 -15.70 -12.75
N MET B 220 5.06 -15.25 -12.86
CA MET B 220 4.32 -15.44 -14.10
C MET B 220 4.91 -14.55 -15.20
N VAL B 221 5.35 -13.37 -14.82
CA VAL B 221 6.01 -12.48 -15.78
C VAL B 221 7.29 -13.13 -16.26
N ALA B 222 8.09 -13.62 -15.32
CA ALA B 222 9.35 -14.26 -15.65
C ALA B 222 9.13 -15.44 -16.60
N GLN B 223 8.11 -16.25 -16.34
CA GLN B 223 7.85 -17.41 -17.19
C GLN B 223 7.52 -16.98 -18.62
N GLN B 224 6.72 -15.92 -18.75
CA GLN B 224 6.37 -15.42 -20.08
C GLN B 224 7.59 -14.95 -20.86
N LEU B 225 8.59 -14.46 -20.14
CA LEU B 225 9.81 -13.94 -20.76
C LEU B 225 10.79 -15.07 -21.08
N GLY B 226 10.46 -16.29 -20.65
CA GLY B 226 11.29 -17.44 -20.93
C GLY B 226 12.38 -17.65 -19.89
N ILE B 227 12.26 -16.96 -18.76
CA ILE B 227 13.19 -17.13 -17.66
C ILE B 227 12.90 -18.43 -16.93
N GLU B 228 13.94 -19.18 -16.60
CA GLU B 228 13.80 -20.40 -15.82
C GLU B 228 14.49 -20.25 -14.47
N PHE B 229 13.89 -20.81 -13.43
CA PHE B 229 14.43 -20.70 -12.09
C PHE B 229 15.10 -22.00 -11.61
N GLU B 230 16.28 -21.85 -11.00
CA GLU B 230 16.96 -22.99 -10.39
C GLU B 230 16.46 -23.15 -8.96
N ILE B 231 16.06 -22.04 -8.40
CA ILE B 231 15.55 -21.96 -7.04
C ILE B 231 14.15 -21.36 -7.10
N HIS B 232 13.22 -21.91 -6.32
CA HIS B 232 11.89 -21.33 -6.21
C HIS B 232 11.97 -19.94 -5.56
N PRO B 233 11.48 -18.89 -6.24
CA PRO B 233 11.55 -17.56 -5.63
C PRO B 233 10.88 -17.50 -4.25
N LEU B 234 9.83 -18.28 -4.05
CA LEU B 234 9.16 -18.27 -2.74
C LEU B 234 10.08 -18.82 -1.65
N GLU B 235 10.87 -19.85 -1.96
CA GLU B 235 11.80 -20.35 -0.97
C GLU B 235 12.83 -19.29 -0.67
N LEU B 236 13.30 -18.62 -1.71
CA LEU B 236 14.29 -17.57 -1.53
C LEU B 236 13.69 -16.45 -0.69
N LEU B 237 12.41 -16.15 -0.89
CA LEU B 237 11.74 -15.13 -0.10
C LEU B 237 11.74 -15.48 1.40
N TRP B 238 11.29 -16.68 1.75
CA TRP B 238 11.15 -16.99 3.17
C TRP B 238 12.53 -17.13 3.81
N ASP B 239 13.48 -17.68 3.05
CA ASP B 239 14.85 -17.82 3.53
C ASP B 239 15.43 -16.43 3.81
N THR B 240 15.21 -15.52 2.87
CA THR B 240 15.78 -14.19 2.96
C THR B 240 15.16 -13.41 4.12
N ILE B 241 13.83 -13.51 4.28
CA ILE B 241 13.19 -12.82 5.40
C ILE B 241 13.74 -13.33 6.73
N GLU B 242 13.95 -14.64 6.84
CA GLU B 242 14.46 -15.21 8.08
C GLU B 242 15.90 -14.76 8.36
N ARG B 243 16.72 -14.72 7.32
CA ARG B 243 18.12 -14.32 7.46
C ARG B 243 18.30 -12.83 7.72
N THR B 244 17.31 -12.02 7.35
CA THR B 244 17.43 -10.57 7.46
C THR B 244 16.25 -9.99 8.23
N ARG B 245 15.68 -10.79 9.14
CA ARG B 245 14.44 -10.36 9.79
C ARG B 245 14.62 -9.08 10.60
N GLU B 246 15.85 -8.79 11.06
CA GLU B 246 16.09 -7.59 11.87
C GLU B 246 16.44 -6.37 11.03
N ASN B 247 16.56 -6.57 9.73
CA ASN B 247 16.98 -5.49 8.83
C ASN B 247 15.79 -4.64 8.37
N TYR B 248 16.02 -3.33 8.25
CA TYR B 248 15.15 -2.48 7.47
C TYR B 248 15.66 -2.48 6.05
N ASN B 249 14.78 -2.77 5.09
CA ASN B 249 15.24 -3.02 3.73
C ASN B 249 15.85 -1.75 3.12
N SER B 250 16.68 -1.95 2.10
CA SER B 250 17.49 -0.86 1.56
C SER B 250 16.66 0.26 0.98
N THR B 251 15.49 -0.08 0.46
CA THR B 251 14.59 0.93 -0.10
C THR B 251 14.03 1.80 1.00
N LEU B 252 13.60 1.19 2.10
CA LEU B 252 13.11 1.92 3.26
C LEU B 252 14.21 2.82 3.83
N GLN B 253 15.44 2.32 3.84
CA GLN B 253 16.58 3.13 4.29
C GLN B 253 16.71 4.39 3.45
N ASP B 254 16.57 4.24 2.13
CA ASP B 254 16.65 5.39 1.25
C ASP B 254 15.51 6.40 1.53
N ILE B 255 14.30 5.90 1.74
CA ILE B 255 13.16 6.76 2.07
C ILE B 255 13.46 7.58 3.32
N TRP B 256 13.98 6.91 4.34
CA TRP B 256 14.29 7.56 5.61
C TRP B 256 15.39 8.60 5.48
N ARG B 257 16.20 8.48 4.43
CA ARG B 257 17.25 9.45 4.17
C ARG B 257 16.82 10.53 3.18
N GLY B 258 15.59 10.43 2.68
CA GLY B 258 15.10 11.38 1.70
C GLY B 258 15.83 11.23 0.37
N ARG B 259 16.31 10.02 0.09
CA ARG B 259 17.04 9.74 -1.14
C ARG B 259 16.12 9.20 -2.22
N GLU B 260 16.64 9.19 -3.44
CA GLU B 260 16.01 8.42 -4.52
C GLU B 260 16.03 6.96 -4.12
N THR B 261 15.01 6.21 -4.54
CA THR B 261 14.98 4.78 -4.31
C THR B 261 15.26 4.00 -5.60
N GLU B 262 15.49 2.71 -5.44
CA GLU B 262 15.80 1.80 -6.56
C GLU B 262 14.58 1.19 -7.23
N VAL B 263 13.38 1.56 -6.80
CA VAL B 263 12.19 0.80 -7.18
CA VAL B 263 12.19 0.80 -7.18
C VAL B 263 11.91 0.81 -8.69
N ASP B 264 12.41 1.81 -9.42
CA ASP B 264 12.28 1.76 -10.88
C ASP B 264 12.95 0.51 -11.45
N TYR B 265 13.94 0.01 -10.72
CA TYR B 265 14.77 -1.09 -11.23
C TYR B 265 14.33 -2.44 -10.66
N ILE B 266 13.33 -2.40 -9.78
CA ILE B 266 12.78 -3.60 -9.18
C ILE B 266 11.34 -3.75 -9.66
N HIS B 267 10.40 -3.13 -8.96
CA HIS B 267 8.99 -3.16 -9.39
C HIS B 267 8.83 -2.62 -10.81
N GLY B 268 9.51 -1.52 -11.10
CA GLY B 268 9.39 -0.87 -12.39
C GLY B 268 9.80 -1.77 -13.55
N LYS B 269 10.88 -2.52 -13.37
CA LYS B 269 11.33 -3.46 -14.40
C LYS B 269 10.35 -4.62 -14.55
N ILE B 270 9.84 -5.15 -13.45
CA ILE B 270 8.86 -6.22 -13.55
C ILE B 270 7.62 -5.74 -14.33
N VAL B 271 7.16 -4.55 -14.00
CA VAL B 271 5.98 -4.00 -14.68
C VAL B 271 6.22 -3.72 -16.15
N GLU B 272 7.41 -3.19 -16.47
CA GLU B 272 7.71 -2.84 -17.86
C GLU B 272 7.79 -4.09 -18.74
N TYR B 273 8.46 -5.12 -18.22
CA TYR B 273 8.55 -6.39 -18.94
C TYR B 273 7.18 -7.03 -19.07
N ALA B 274 6.41 -6.98 -18.00
CA ALA B 274 5.05 -7.53 -18.03
C ALA B 274 4.23 -6.90 -19.14
N ARG B 275 4.26 -5.59 -19.22
CA ARG B 275 3.49 -4.86 -20.22
C ARG B 275 3.94 -5.18 -21.64
N SER B 276 5.20 -5.55 -21.80
CA SER B 276 5.73 -5.84 -23.13
C SER B 276 5.19 -7.16 -23.66
N VAL B 277 4.70 -8.01 -22.75
CA VAL B 277 4.09 -9.27 -23.15
C VAL B 277 2.61 -9.30 -22.77
N GLY B 278 1.98 -8.14 -22.88
CA GLY B 278 0.54 -8.03 -22.73
C GLY B 278 -0.01 -8.42 -21.37
N MET B 279 0.84 -8.33 -20.35
CA MET B 279 0.41 -8.65 -19.00
C MET B 279 0.43 -7.42 -18.10
N GLU B 280 -0.62 -7.27 -17.31
CA GLU B 280 -0.54 -6.34 -16.20
C GLU B 280 0.24 -7.03 -15.10
N ALA B 281 0.94 -6.25 -14.31
CA ALA B 281 1.52 -6.73 -13.08
C ALA B 281 0.97 -5.79 -12.03
N PRO B 282 -0.32 -5.95 -11.71
CA PRO B 282 -1.07 -4.94 -10.94
C PRO B 282 -0.51 -4.69 -9.54
N ARG B 283 -0.10 -5.75 -8.83
CA ARG B 283 0.44 -5.59 -7.48
C ARG B 283 1.78 -4.87 -7.53
N ASN B 284 2.64 -5.30 -8.43
CA ASN B 284 3.91 -4.63 -8.62
C ASN B 284 3.72 -3.18 -9.05
N GLU B 285 2.73 -2.93 -9.90
CA GLU B 285 2.45 -1.57 -10.36
C GLU B 285 2.02 -0.67 -9.20
N LEU B 286 1.13 -1.19 -8.35
CA LEU B 286 0.69 -0.42 -7.19
C LEU B 286 1.84 -0.15 -6.23
N LEU B 287 2.64 -1.18 -5.94
CA LEU B 287 3.78 -1.03 -5.04
C LEU B 287 4.77 -0.01 -5.61
N TRP B 288 4.98 -0.08 -6.92
CA TRP B 288 5.88 0.84 -7.62
C TRP B 288 5.45 2.27 -7.34
N VAL B 289 4.18 2.55 -7.63
CA VAL B 289 3.63 3.89 -7.44
C VAL B 289 3.65 4.30 -5.97
N LEU B 290 3.28 3.40 -5.07
CA LEU B 290 3.28 3.75 -3.65
C LEU B 290 4.66 4.12 -3.15
N VAL B 291 5.67 3.34 -3.52
CA VAL B 291 7.00 3.61 -3.01
C VAL B 291 7.58 4.88 -3.65
N LYS B 292 7.37 5.07 -4.94
CA LYS B 292 7.83 6.30 -5.60
C LYS B 292 7.09 7.52 -5.06
N ALA B 293 5.82 7.35 -4.71
CA ALA B 293 5.07 8.45 -4.10
C ALA B 293 5.68 8.81 -2.76
N LYS B 294 6.02 7.78 -1.96
CA LYS B 294 6.68 7.99 -0.69
C LYS B 294 8.05 8.63 -0.89
N GLU B 295 8.75 8.21 -1.94
CA GLU B 295 10.04 8.80 -2.27
C GLU B 295 9.90 10.30 -2.47
N ARG B 296 8.93 10.69 -3.30
CA ARG B 296 8.73 12.09 -3.61
C ARG B 296 8.30 12.89 -2.38
N ILE B 297 7.44 12.30 -1.56
CA ILE B 297 6.99 12.95 -0.32
C ILE B 297 8.15 13.20 0.65
N ASN B 298 9.08 12.25 0.72
CA ASN B 298 10.17 12.29 1.68
C ASN B 298 11.46 12.89 1.11
N ARG B 299 11.46 13.17 -0.18
CA ARG B 299 12.68 13.59 -0.86
C ARG B 299 13.28 14.82 -0.20
N GLY B 300 14.58 14.76 0.07
CA GLY B 300 15.28 15.90 0.67
C GLY B 300 15.10 16.02 2.17
N LYS B 301 14.33 15.10 2.75
CA LYS B 301 14.14 15.08 4.20
C LYS B 301 14.85 13.88 4.83
N THR B 302 15.55 14.11 5.93
CA THR B 302 16.13 13.03 6.71
C THR B 302 15.27 12.81 7.96
N ARG B 303 14.68 11.63 8.08
CA ARG B 303 13.77 11.37 9.17
C ARG B 303 14.50 10.91 10.43
#